data_1G0B
#
_entry.id   1G0B
#
_cell.length_a   108.800
_cell.length_b   63.200
_cell.length_c   54.600
_cell.angle_alpha   90.00
_cell.angle_beta   110.70
_cell.angle_gamma   90.00
#
_symmetry.space_group_name_H-M   'C 1 2 1'
#
loop_
_entity.id
_entity.type
_entity.pdbx_description
1 polymer 'HEMOGLOBIN ALPHA CHAIN'
2 polymer 'HEMOGLOBIN BETA CHAIN'
3 non-polymer 'PROTOPORPHYRIN IX CONTAINING FE'
4 non-polymer 'CARBON MONOXIDE'
5 water water
#
loop_
_entity_poly.entity_id
_entity_poly.type
_entity_poly.pdbx_seq_one_letter_code
_entity_poly.pdbx_strand_id
1 'polypeptide(L)'
;VLSAADKTNVKAAWSKVGGHAGEYGAEALERMFLGFPTTKTYFPHFDLSHGSAQVKAHGKKVGDALTLAVGHLDDLPGAL
SDLSNLHAHKLRVDPVNFKLLSHCLLSTLAVHLPNDFTPAVHASLDKFLSSVSTVLTSKYR
;
A
2 'polypeptide(L)'
;VQLSGEEKAAVLALWDKVNEEEVGGEALGRLLVVYPWTQRFFDSFGDLSNPGAVMGNPKVKAHGKKVLHSFGEGVHHLDN
LKGTFAALSELHCDKLHVDPENFRLLGNVLVVVLARHFGKDFTPELQASYQKVVAGVANALAHKYH
;
B
#
loop_
_chem_comp.id
_chem_comp.type
_chem_comp.name
_chem_comp.formula
CMO non-polymer 'CARBON MONOXIDE' 'C O'
HEM non-polymer 'PROTOPORPHYRIN IX CONTAINING FE' 'C34 H32 Fe N4 O4'
#
# COMPACT_ATOMS: atom_id res chain seq x y z
N VAL A 1 -14.29 0.19 -17.17
CA VAL A 1 -12.98 -0.42 -16.86
C VAL A 1 -13.15 -1.39 -15.71
N LEU A 2 -13.82 -0.92 -14.67
CA LEU A 2 -14.12 -1.73 -13.48
C LEU A 2 -15.59 -2.16 -13.51
N SER A 3 -15.97 -2.84 -12.44
CA SER A 3 -17.35 -3.28 -12.23
C SER A 3 -18.18 -2.06 -11.81
N ALA A 4 -19.47 -2.15 -12.04
CA ALA A 4 -20.38 -1.05 -11.68
C ALA A 4 -20.27 -0.68 -10.20
N ALA A 5 -20.15 -1.69 -9.37
CA ALA A 5 -20.05 -1.51 -7.90
C ALA A 5 -18.78 -0.71 -7.61
N ASP A 6 -17.73 -1.12 -8.32
CA ASP A 6 -16.42 -0.45 -8.18
C ASP A 6 -16.55 1.00 -8.63
N LYS A 7 -17.24 1.19 -9.75
CA LYS A 7 -17.41 2.54 -10.31
C LYS A 7 -18.09 3.44 -9.31
N THR A 8 -19.07 2.89 -8.64
CA THR A 8 -19.81 3.65 -7.63
C THR A 8 -18.95 4.05 -6.46
N ASN A 9 -18.23 3.08 -5.93
CA ASN A 9 -17.34 3.30 -4.76
C ASN A 9 -16.28 4.36 -5.06
N VAL A 10 -15.69 4.29 -6.26
CA VAL A 10 -14.63 5.24 -6.63
C VAL A 10 -15.15 6.66 -6.73
N LYS A 11 -16.31 6.78 -7.41
CA LYS A 11 -16.91 8.12 -7.59
C LYS A 11 -17.29 8.68 -6.23
N ALA A 12 -17.82 7.80 -5.39
CA ALA A 12 -18.21 8.25 -4.04
C ALA A 12 -16.99 8.67 -3.24
N ALA A 13 -15.96 7.82 -3.25
CA ALA A 13 -14.75 8.14 -2.45
C ALA A 13 -14.08 9.42 -2.91
N TRP A 14 -14.02 9.63 -4.22
CA TRP A 14 -13.36 10.82 -4.78
C TRP A 14 -14.12 12.08 -4.42
N SER A 15 -15.43 11.95 -4.28
CA SER A 15 -16.26 13.11 -3.88
C SER A 15 -15.79 13.57 -2.49
N LYS A 16 -15.34 12.64 -1.65
CA LYS A 16 -14.87 12.96 -0.30
C LYS A 16 -13.49 13.59 -0.32
N VAL A 17 -12.73 13.24 -1.34
CA VAL A 17 -11.38 13.80 -1.54
C VAL A 17 -11.58 15.27 -1.86
N GLY A 18 -12.60 15.50 -2.67
CA GLY A 18 -13.01 16.87 -3.06
C GLY A 18 -11.85 17.69 -3.58
N GLY A 19 -11.66 18.87 -2.99
CA GLY A 19 -10.60 19.78 -3.38
C GLY A 19 -9.24 19.47 -2.80
N HIS A 20 -9.02 18.30 -2.20
CA HIS A 20 -7.70 17.96 -1.63
C HIS A 20 -6.90 17.05 -2.56
N ALA A 21 -7.44 16.74 -3.71
CA ALA A 21 -6.79 15.88 -4.69
C ALA A 21 -5.35 16.33 -4.89
N GLY A 22 -5.18 17.62 -5.04
CA GLY A 22 -3.87 18.25 -5.25
C GLY A 22 -2.93 18.02 -4.09
N GLU A 23 -3.38 18.40 -2.92
CA GLU A 23 -2.62 18.22 -1.67
C GLU A 23 -2.23 16.75 -1.50
N TYR A 24 -3.20 15.88 -1.79
CA TYR A 24 -2.96 14.44 -1.64
C TYR A 24 -1.95 13.94 -2.66
N GLY A 25 -2.03 14.48 -3.88
CA GLY A 25 -1.11 14.06 -4.95
C GLY A 25 0.32 14.41 -4.51
N ALA A 26 0.47 15.58 -3.94
CA ALA A 26 1.77 16.08 -3.49
C ALA A 26 2.31 15.22 -2.36
N GLU A 27 1.44 14.87 -1.41
CA GLU A 27 1.89 14.06 -0.26
C GLU A 27 2.25 12.66 -0.70
N ALA A 28 1.48 12.11 -1.64
CA ALA A 28 1.73 10.76 -2.18
C ALA A 28 3.12 10.72 -2.82
N LEU A 29 3.47 11.77 -3.57
CA LEU A 29 4.80 11.84 -4.22
C LEU A 29 5.88 11.88 -3.15
N GLU A 30 5.68 12.71 -2.13
CA GLU A 30 6.66 12.80 -1.04
C GLU A 30 6.90 11.49 -0.34
N ARG A 31 5.81 10.77 -0.09
CA ARG A 31 5.93 9.45 0.55
C ARG A 31 6.64 8.49 -0.38
N MET A 32 6.46 8.62 -1.69
CA MET A 32 7.12 7.73 -2.68
C MET A 32 8.62 7.99 -2.73
N PHE A 33 9.03 9.23 -2.83
CA PHE A 33 10.47 9.58 -2.89
C PHE A 33 11.22 9.13 -1.65
N LEU A 34 10.63 9.31 -0.47
CA LEU A 34 11.24 8.94 0.80
C LEU A 34 11.27 7.44 1.00
N GLY A 35 10.13 6.84 0.73
CA GLY A 35 9.93 5.40 0.89
C GLY A 35 10.59 4.54 -0.16
N PHE A 36 10.65 4.99 -1.40
CA PHE A 36 11.19 4.24 -2.56
C PHE A 36 12.10 5.17 -3.37
N PRO A 37 13.30 5.32 -2.83
CA PRO A 37 14.34 6.20 -3.36
C PRO A 37 14.71 6.01 -4.79
N THR A 38 14.54 4.82 -5.33
CA THR A 38 14.85 4.57 -6.74
C THR A 38 14.02 5.48 -7.65
N THR A 39 12.83 5.85 -7.21
CA THR A 39 11.90 6.67 -7.97
C THR A 39 12.37 8.09 -8.18
N LYS A 40 13.31 8.56 -7.38
CA LYS A 40 13.81 9.94 -7.46
C LYS A 40 14.56 10.20 -8.77
N THR A 41 15.04 9.13 -9.36
CA THR A 41 15.82 9.19 -10.60
C THR A 41 15.06 9.76 -11.78
N TYR A 42 13.74 9.81 -11.69
CA TYR A 42 12.95 10.37 -12.80
C TYR A 42 12.78 11.86 -12.63
N PHE A 43 13.23 12.39 -11.50
CA PHE A 43 13.04 13.82 -11.24
C PHE A 43 14.34 14.53 -10.90
N PRO A 44 15.34 14.46 -11.77
CA PRO A 44 16.62 15.15 -11.51
C PRO A 44 16.45 16.66 -11.47
N HIS A 45 15.54 17.15 -12.28
CA HIS A 45 15.25 18.55 -12.46
C HIS A 45 14.31 19.12 -11.42
N PHE A 46 14.04 18.30 -10.43
CA PHE A 46 13.13 18.60 -9.33
C PHE A 46 13.87 18.79 -8.00
N ASP A 47 13.38 19.78 -7.27
CA ASP A 47 13.82 20.04 -5.88
C ASP A 47 12.86 19.07 -5.10
N LEU A 48 13.41 18.03 -4.54
CA LEU A 48 12.67 16.98 -3.84
C LEU A 48 12.56 17.17 -2.34
N SER A 49 13.05 18.27 -1.82
CA SER A 49 12.97 18.53 -0.36
C SER A 49 11.52 18.67 0.05
N HIS A 50 11.23 18.51 1.34
CA HIS A 50 9.83 18.67 1.78
C HIS A 50 9.41 20.12 1.54
N GLY A 51 8.21 20.28 0.99
CA GLY A 51 7.67 21.63 0.79
C GLY A 51 8.11 22.22 -0.53
N SER A 52 8.88 21.42 -1.25
CA SER A 52 9.31 21.88 -2.59
C SER A 52 8.05 22.34 -3.33
N ALA A 53 8.17 23.46 -3.99
CA ALA A 53 7.10 24.07 -4.79
C ALA A 53 6.81 23.25 -6.05
N GLN A 54 7.81 22.59 -6.57
CA GLN A 54 7.70 21.76 -7.78
C GLN A 54 6.85 20.51 -7.48
N VAL A 55 7.17 19.93 -6.32
CA VAL A 55 6.45 18.71 -5.88
C VAL A 55 4.98 19.12 -5.66
N LYS A 56 4.84 20.27 -5.02
CA LYS A 56 3.52 20.83 -4.72
C LYS A 56 2.77 21.04 -6.04
N ALA A 57 3.45 21.64 -7.00
CA ALA A 57 2.86 21.92 -8.33
C ALA A 57 2.58 20.64 -9.11
N HIS A 58 3.51 19.71 -8.90
CA HIS A 58 3.39 18.42 -9.60
C HIS A 58 2.26 17.58 -9.01
N GLY A 59 2.09 17.68 -7.71
CA GLY A 59 1.04 16.95 -6.95
C GLY A 59 -0.33 17.36 -7.47
N LYS A 60 -0.41 18.65 -7.76
CA LYS A 60 -1.65 19.23 -8.32
C LYS A 60 -2.00 18.63 -9.66
N LYS A 61 -1.01 18.45 -10.54
CA LYS A 61 -1.22 17.87 -11.87
C LYS A 61 -1.66 16.42 -11.74
N VAL A 62 -1.02 15.72 -10.78
CA VAL A 62 -1.38 14.29 -10.56
C VAL A 62 -2.82 14.18 -10.06
N GLY A 63 -3.17 15.00 -9.10
CA GLY A 63 -4.52 15.05 -8.52
C GLY A 63 -5.55 15.38 -9.61
N ASP A 64 -5.26 16.31 -10.49
CA ASP A 64 -6.15 16.67 -11.61
C ASP A 64 -6.35 15.51 -12.59
N ALA A 65 -5.29 14.78 -12.91
CA ALA A 65 -5.38 13.64 -13.82
C ALA A 65 -6.24 12.53 -13.21
N LEU A 66 -6.09 12.29 -11.92
CA LEU A 66 -6.90 11.26 -11.23
C LEU A 66 -8.37 11.69 -11.24
N THR A 67 -8.59 12.97 -11.05
CA THR A 67 -9.94 13.55 -11.05
C THR A 67 -10.57 13.36 -12.43
N LEU A 68 -9.78 13.61 -13.46
CA LEU A 68 -10.23 13.41 -14.87
C LEU A 68 -10.66 11.97 -15.10
N ALA A 69 -9.79 11.06 -14.67
CA ALA A 69 -9.98 9.63 -14.80
C ALA A 69 -11.29 9.18 -14.17
N VAL A 70 -11.52 9.66 -12.97
CA VAL A 70 -12.73 9.30 -12.21
C VAL A 70 -13.96 9.73 -13.04
N GLY A 71 -13.79 10.83 -13.76
CA GLY A 71 -14.83 11.37 -14.62
C GLY A 71 -14.98 10.57 -15.91
N HIS A 72 -14.01 9.73 -16.24
CA HIS A 72 -14.08 8.96 -17.49
C HIS A 72 -13.78 7.49 -17.30
N LEU A 73 -14.36 6.90 -16.28
CA LEU A 73 -14.12 5.50 -15.92
C LEU A 73 -14.44 4.54 -17.03
N ASP A 74 -15.28 4.95 -17.96
CA ASP A 74 -15.67 4.04 -19.06
C ASP A 74 -14.74 4.15 -20.25
N ASP A 75 -13.88 5.16 -20.24
CA ASP A 75 -12.92 5.39 -21.31
C ASP A 75 -11.59 5.93 -20.82
N LEU A 76 -10.94 5.13 -19.98
CA LEU A 76 -9.62 5.56 -19.48
C LEU A 76 -8.63 5.72 -20.61
N PRO A 77 -8.58 4.75 -21.51
CA PRO A 77 -7.62 4.79 -22.64
C PRO A 77 -7.64 6.10 -23.38
N GLY A 78 -8.83 6.55 -23.74
CA GLY A 78 -9.03 7.80 -24.45
C GLY A 78 -8.69 9.02 -23.60
N ALA A 79 -9.21 9.06 -22.39
CA ALA A 79 -8.99 10.15 -21.45
C ALA A 79 -7.52 10.32 -21.06
N LEU A 80 -6.80 9.22 -20.90
CA LEU A 80 -5.40 9.29 -20.45
C LEU A 80 -4.38 9.07 -21.55
N SER A 81 -4.83 9.07 -22.78
CA SER A 81 -4.02 8.84 -23.97
C SER A 81 -2.71 9.59 -23.96
N ASP A 82 -2.78 10.89 -23.79
CA ASP A 82 -1.60 11.76 -23.77
C ASP A 82 -0.61 11.38 -22.68
N LEU A 83 -1.10 10.93 -21.52
CA LEU A 83 -0.22 10.60 -20.40
C LEU A 83 0.49 9.27 -20.61
N SER A 84 -0.14 8.41 -21.35
CA SER A 84 0.38 7.07 -21.66
C SER A 84 1.61 7.19 -22.56
N ASN A 85 1.56 8.22 -23.40
CA ASN A 85 2.65 8.51 -24.32
C ASN A 85 3.86 9.01 -23.58
N LEU A 86 3.62 10.00 -22.75
CA LEU A 86 4.68 10.62 -21.97
C LEU A 86 5.39 9.60 -21.10
N HIS A 87 4.61 8.91 -20.28
CA HIS A 87 5.14 7.94 -19.30
C HIS A 87 5.83 6.75 -19.90
N ALA A 88 5.20 6.15 -20.90
CA ALA A 88 5.75 4.95 -21.53
C ALA A 88 6.71 5.26 -22.66
N HIS A 89 6.25 6.08 -23.59
CA HIS A 89 7.03 6.40 -24.79
C HIS A 89 8.11 7.41 -24.54
N LYS A 90 7.86 8.53 -23.89
CA LYS A 90 8.87 9.55 -23.64
C LYS A 90 9.75 9.30 -22.43
N LEU A 91 9.16 9.03 -21.27
CA LEU A 91 9.91 8.83 -20.01
C LEU A 91 10.43 7.44 -19.73
N ARG A 92 9.83 6.43 -20.34
CA ARG A 92 10.17 5.01 -20.15
C ARG A 92 10.15 4.64 -18.68
N VAL A 93 9.06 5.05 -18.02
CA VAL A 93 8.94 4.74 -16.60
C VAL A 93 8.77 3.23 -16.42
N ASP A 94 9.58 2.68 -15.53
CA ASP A 94 9.50 1.22 -15.20
C ASP A 94 8.12 0.97 -14.58
N PRO A 95 7.40 0.00 -15.11
CA PRO A 95 6.06 -0.32 -14.64
C PRO A 95 5.96 -0.54 -13.15
N VAL A 96 7.02 -1.02 -12.50
CA VAL A 96 6.97 -1.28 -11.07
C VAL A 96 6.68 0.01 -10.29
N ASN A 97 7.10 1.14 -10.81
CA ASN A 97 6.91 2.42 -10.12
C ASN A 97 5.47 2.85 -9.95
N PHE A 98 4.59 2.37 -10.79
CA PHE A 98 3.14 2.68 -10.74
C PHE A 98 2.51 2.04 -9.49
N LYS A 99 3.02 0.86 -9.19
CA LYS A 99 2.62 0.08 -8.03
C LYS A 99 3.02 0.82 -6.76
N LEU A 100 4.19 1.42 -6.77
CA LEU A 100 4.71 2.16 -5.62
C LEU A 100 3.95 3.45 -5.43
N LEU A 101 3.67 4.18 -6.50
CA LEU A 101 2.89 5.43 -6.31
C LEU A 101 1.46 5.06 -5.87
N SER A 102 0.91 4.01 -6.43
CA SER A 102 -0.46 3.57 -6.08
C SER A 102 -0.54 3.35 -4.56
N HIS A 103 0.41 2.60 -4.05
CA HIS A 103 0.55 2.30 -2.62
C HIS A 103 0.65 3.56 -1.79
N CYS A 104 1.42 4.53 -2.24
CA CYS A 104 1.62 5.80 -1.56
C CYS A 104 0.36 6.67 -1.60
N LEU A 105 -0.42 6.53 -2.66
CA LEU A 105 -1.71 7.26 -2.76
C LEU A 105 -2.73 6.65 -1.77
N LEU A 106 -2.82 5.34 -1.73
CA LEU A 106 -3.71 4.68 -0.75
C LEU A 106 -3.27 5.05 0.68
N SER A 107 -1.97 5.06 0.95
CA SER A 107 -1.46 5.43 2.27
C SER A 107 -1.97 6.83 2.61
N THR A 108 -1.88 7.75 1.66
CA THR A 108 -2.30 9.14 1.88
C THR A 108 -3.78 9.30 2.20
N LEU A 109 -4.59 8.58 1.43
CA LEU A 109 -6.04 8.60 1.63
C LEU A 109 -6.35 8.04 3.03
N ALA A 110 -5.68 6.97 3.41
CA ALA A 110 -5.89 6.36 4.73
C ALA A 110 -5.60 7.36 5.84
N VAL A 111 -4.56 8.16 5.66
CA VAL A 111 -4.15 9.17 6.64
C VAL A 111 -5.25 10.21 6.82
N HIS A 112 -5.75 10.67 5.66
CA HIS A 112 -6.73 11.75 5.67
C HIS A 112 -8.19 11.40 5.79
N LEU A 113 -8.67 10.26 5.33
CA LEU A 113 -10.06 9.86 5.37
C LEU A 113 -10.22 8.49 6.02
N PRO A 114 -9.81 8.36 7.25
CA PRO A 114 -9.82 7.08 7.98
C PRO A 114 -11.20 6.49 8.12
N ASN A 115 -12.22 7.33 8.21
CA ASN A 115 -13.60 6.82 8.36
C ASN A 115 -14.17 6.43 7.01
N ASP A 116 -13.70 7.06 5.95
CA ASP A 116 -14.17 6.79 4.59
C ASP A 116 -13.38 5.67 3.94
N PHE A 117 -12.16 5.45 4.40
CA PHE A 117 -11.29 4.39 3.84
C PHE A 117 -11.62 3.02 4.38
N THR A 118 -12.78 2.50 4.04
CA THR A 118 -13.24 1.17 4.47
C THR A 118 -12.65 0.10 3.57
N PRO A 119 -12.69 -1.16 3.98
CA PRO A 119 -12.17 -2.28 3.21
C PRO A 119 -12.76 -2.36 1.81
N ALA A 120 -14.05 -2.14 1.67
CA ALA A 120 -14.75 -2.16 0.37
C ALA A 120 -14.26 -1.02 -0.52
N VAL A 121 -14.09 0.17 0.01
CA VAL A 121 -13.62 1.33 -0.73
C VAL A 121 -12.14 1.17 -1.07
N HIS A 122 -11.39 0.60 -0.16
CA HIS A 122 -9.94 0.33 -0.35
C HIS A 122 -9.77 -0.59 -1.56
N ALA A 123 -10.58 -1.62 -1.62
CA ALA A 123 -10.57 -2.60 -2.70
C ALA A 123 -10.91 -1.98 -4.05
N SER A 124 -11.90 -1.11 -4.06
CA SER A 124 -12.33 -0.42 -5.29
C SER A 124 -11.25 0.54 -5.75
N LEU A 125 -10.65 1.26 -4.82
CA LEU A 125 -9.58 2.21 -5.16
C LEU A 125 -8.35 1.49 -5.70
N ASP A 126 -8.07 0.33 -5.17
CA ASP A 126 -6.91 -0.44 -5.64
C ASP A 126 -7.13 -0.82 -7.11
N LYS A 127 -8.32 -1.30 -7.40
CA LYS A 127 -8.74 -1.67 -8.76
C LYS A 127 -8.61 -0.46 -9.68
N PHE A 128 -9.07 0.68 -9.22
CA PHE A 128 -9.03 1.92 -10.00
C PHE A 128 -7.58 2.28 -10.34
N LEU A 129 -6.74 2.32 -9.31
CA LEU A 129 -5.32 2.66 -9.47
C LEU A 129 -4.61 1.68 -10.38
N SER A 130 -4.96 0.42 -10.33
CA SER A 130 -4.37 -0.58 -11.22
C SER A 130 -4.83 -0.31 -12.65
N SER A 131 -6.07 0.11 -12.81
CA SER A 131 -6.61 0.39 -14.15
C SER A 131 -5.91 1.58 -14.78
N VAL A 132 -5.72 2.60 -13.97
CA VAL A 132 -5.02 3.81 -14.40
C VAL A 132 -3.58 3.42 -14.80
N SER A 133 -2.96 2.59 -13.99
CA SER A 133 -1.57 2.14 -14.19
C SER A 133 -1.44 1.35 -15.48
N THR A 134 -2.39 0.51 -15.80
CA THR A 134 -2.37 -0.27 -17.04
C THR A 134 -2.44 0.63 -18.26
N VAL A 135 -3.25 1.66 -18.17
CA VAL A 135 -3.36 2.60 -19.30
C VAL A 135 -2.04 3.36 -19.49
N LEU A 136 -1.44 3.84 -18.42
CA LEU A 136 -0.20 4.60 -18.47
C LEU A 136 0.99 3.77 -18.95
N THR A 137 0.91 2.46 -18.88
CA THR A 137 2.02 1.61 -19.33
C THR A 137 1.61 0.77 -20.53
N SER A 138 0.48 1.12 -21.13
CA SER A 138 -0.06 0.32 -22.24
C SER A 138 0.77 0.50 -23.51
N LYS A 139 1.59 1.53 -23.50
CA LYS A 139 2.47 1.73 -24.68
C LYS A 139 3.57 0.68 -24.61
N TYR A 140 3.52 -0.14 -23.56
CA TYR A 140 4.45 -1.25 -23.32
C TYR A 140 3.80 -2.52 -23.89
N ARG A 141 2.61 -2.79 -23.37
CA ARG A 141 1.78 -3.93 -23.79
C ARG A 141 1.19 -3.66 -25.19
N VAL B 1 18.31 -5.22 8.62
CA VAL B 1 17.70 -4.00 8.02
C VAL B 1 18.60 -2.81 8.33
N GLN B 2 18.81 -2.02 7.29
CA GLN B 2 19.65 -0.81 7.27
C GLN B 2 18.82 0.42 7.64
N LEU B 3 18.74 0.66 8.94
CA LEU B 3 18.00 1.77 9.55
C LEU B 3 18.97 2.55 10.44
N SER B 4 18.81 3.85 10.48
CA SER B 4 19.71 4.62 11.39
C SER B 4 19.17 4.39 12.80
N GLY B 5 19.79 5.04 13.76
CA GLY B 5 19.40 4.95 15.17
C GLY B 5 18.13 5.75 15.43
N GLU B 6 18.02 6.87 14.74
CA GLU B 6 16.89 7.79 14.82
C GLU B 6 15.61 7.11 14.30
N GLU B 7 15.82 6.39 13.24
CA GLU B 7 14.82 5.62 12.51
C GLU B 7 14.34 4.46 13.37
N LYS B 8 15.31 3.80 13.99
CA LYS B 8 15.01 2.65 14.85
C LYS B 8 14.19 3.09 16.06
N ALA B 9 14.57 4.20 16.67
CA ALA B 9 13.87 4.72 17.84
C ALA B 9 12.45 5.13 17.50
N ALA B 10 12.30 5.75 16.33
CA ALA B 10 10.96 6.22 15.91
C ALA B 10 10.07 5.02 15.62
N VAL B 11 10.63 3.96 15.10
CA VAL B 11 9.90 2.73 14.77
C VAL B 11 9.41 2.06 16.04
N LEU B 12 10.30 1.93 17.01
CA LEU B 12 9.99 1.29 18.29
C LEU B 12 8.94 2.08 19.05
N ALA B 13 9.09 3.39 19.03
CA ALA B 13 8.14 4.26 19.72
C ALA B 13 6.74 4.07 19.16
N LEU B 14 6.59 3.92 17.85
CA LEU B 14 5.24 3.75 17.29
C LEU B 14 4.66 2.41 17.73
N TRP B 15 5.52 1.38 17.71
CA TRP B 15 5.06 0.05 18.10
C TRP B 15 4.48 0.00 19.52
N ASP B 16 4.92 0.84 20.42
CA ASP B 16 4.41 0.89 21.80
C ASP B 16 2.91 1.21 21.79
N LYS B 17 2.50 1.87 20.71
CA LYS B 17 1.12 2.32 20.54
C LYS B 17 0.26 1.40 19.72
N VAL B 18 0.82 0.35 19.18
CA VAL B 18 0.13 -0.61 18.34
C VAL B 18 -0.60 -1.68 19.14
N ASN B 19 -1.92 -1.69 18.90
CA ASN B 19 -2.83 -2.71 19.46
C ASN B 19 -2.77 -3.85 18.43
N GLU B 20 -2.07 -4.91 18.76
CA GLU B 20 -1.84 -6.05 17.88
C GLU B 20 -3.07 -6.73 17.37
N GLU B 21 -4.08 -6.72 18.22
CA GLU B 21 -5.37 -7.34 17.94
C GLU B 21 -6.17 -6.57 16.89
N GLU B 22 -6.38 -5.29 17.14
CA GLU B 22 -7.12 -4.39 16.28
C GLU B 22 -6.42 -4.25 14.91
N VAL B 23 -5.14 -3.92 15.01
CA VAL B 23 -4.32 -3.72 13.80
C VAL B 23 -4.19 -5.03 13.02
N GLY B 24 -3.90 -6.10 13.73
CA GLY B 24 -3.73 -7.42 13.15
C GLY B 24 -4.98 -7.94 12.47
N GLY B 25 -6.11 -7.82 13.14
CA GLY B 25 -7.41 -8.28 12.61
C GLY B 25 -7.75 -7.50 11.33
N GLU B 26 -7.52 -6.21 11.35
CA GLU B 26 -7.78 -5.33 10.21
C GLU B 26 -6.82 -5.60 9.06
N ALA B 27 -5.54 -5.76 9.34
CA ALA B 27 -4.55 -6.06 8.27
C ALA B 27 -4.88 -7.36 7.55
N LEU B 28 -5.11 -8.44 8.27
CA LEU B 28 -5.42 -9.72 7.61
C LEU B 28 -6.75 -9.64 6.86
N GLY B 29 -7.76 -9.00 7.43
CA GLY B 29 -9.06 -8.87 6.78
C GLY B 29 -8.91 -8.10 5.46
N ARG B 30 -8.22 -6.99 5.49
CA ARG B 30 -8.01 -6.18 4.27
C ARG B 30 -7.27 -6.98 3.22
N LEU B 31 -6.29 -7.79 3.60
CA LEU B 31 -5.58 -8.61 2.61
C LEU B 31 -6.55 -9.53 1.86
N LEU B 32 -7.44 -10.16 2.64
CA LEU B 32 -8.42 -11.11 2.17
C LEU B 32 -9.48 -10.47 1.29
N VAL B 33 -9.80 -9.24 1.57
CA VAL B 33 -10.79 -8.47 0.80
C VAL B 33 -10.18 -7.90 -0.49
N VAL B 34 -9.02 -7.27 -0.35
CA VAL B 34 -8.33 -6.61 -1.46
C VAL B 34 -7.67 -7.57 -2.44
N TYR B 35 -7.09 -8.65 -1.98
CA TYR B 35 -6.40 -9.62 -2.88
C TYR B 35 -7.07 -10.95 -2.66
N PRO B 36 -8.19 -11.15 -3.36
CA PRO B 36 -9.04 -12.31 -3.15
C PRO B 36 -8.46 -13.67 -3.29
N TRP B 37 -7.42 -13.84 -4.09
CA TRP B 37 -6.80 -15.17 -4.27
C TRP B 37 -6.19 -15.63 -2.96
N THR B 38 -5.88 -14.70 -2.05
CA THR B 38 -5.29 -15.07 -0.75
C THR B 38 -6.27 -15.90 0.10
N GLN B 39 -7.54 -15.81 -0.20
CA GLN B 39 -8.59 -16.57 0.52
C GLN B 39 -8.42 -18.08 0.41
N ARG B 40 -7.82 -18.51 -0.67
CA ARG B 40 -7.51 -19.90 -0.97
C ARG B 40 -6.77 -20.58 0.17
N PHE B 41 -5.95 -19.87 0.92
CA PHE B 41 -5.17 -20.45 2.02
C PHE B 41 -5.92 -20.55 3.35
N PHE B 42 -7.05 -19.91 3.46
CA PHE B 42 -7.81 -19.83 4.72
C PHE B 42 -9.22 -20.37 4.57
N ASP B 43 -9.31 -21.51 3.93
CA ASP B 43 -10.63 -22.14 3.70
C ASP B 43 -11.26 -22.60 4.99
N SER B 44 -10.39 -23.03 5.89
CA SER B 44 -10.77 -23.53 7.21
C SER B 44 -11.40 -22.45 8.10
N PHE B 45 -11.41 -21.21 7.67
CA PHE B 45 -11.94 -20.12 8.48
C PHE B 45 -13.43 -19.93 8.25
N GLY B 46 -14.00 -20.64 7.32
CA GLY B 46 -15.44 -20.50 7.06
C GLY B 46 -15.70 -19.50 5.94
N ASP B 47 -16.70 -18.65 6.14
CA ASP B 47 -17.19 -17.62 5.24
C ASP B 47 -16.28 -16.38 5.17
N LEU B 48 -15.72 -16.21 3.99
CA LEU B 48 -14.81 -15.12 3.63
C LEU B 48 -15.26 -14.48 2.31
N SER B 49 -16.47 -14.82 1.95
CA SER B 49 -17.13 -14.42 0.72
C SER B 49 -17.45 -12.94 0.59
N ASN B 50 -17.62 -12.21 1.68
CA ASN B 50 -17.93 -10.75 1.46
C ASN B 50 -17.22 -9.97 2.55
N PRO B 51 -17.02 -8.70 2.32
CA PRO B 51 -16.32 -7.81 3.25
C PRO B 51 -16.79 -7.93 4.68
N GLY B 52 -18.11 -7.89 4.85
CA GLY B 52 -18.69 -7.99 6.18
C GLY B 52 -18.26 -9.28 6.88
N ALA B 53 -18.46 -10.38 6.20
CA ALA B 53 -18.12 -11.73 6.65
C ALA B 53 -16.66 -11.87 7.06
N VAL B 54 -15.79 -11.29 6.25
CA VAL B 54 -14.35 -11.31 6.47
C VAL B 54 -13.96 -10.49 7.70
N MET B 55 -14.32 -9.23 7.70
CA MET B 55 -13.97 -8.30 8.77
C MET B 55 -14.47 -8.71 10.15
N GLY B 56 -15.60 -9.36 10.23
CA GLY B 56 -16.19 -9.81 11.49
C GLY B 56 -15.91 -11.24 11.89
N ASN B 57 -15.17 -11.98 11.07
CA ASN B 57 -14.83 -13.40 11.33
C ASN B 57 -13.84 -13.43 12.49
N PRO B 58 -14.16 -14.20 13.52
CA PRO B 58 -13.32 -14.29 14.71
C PRO B 58 -12.01 -15.00 14.47
N LYS B 59 -11.97 -15.90 13.49
CA LYS B 59 -10.74 -16.64 13.20
C LYS B 59 -9.75 -15.68 12.53
N VAL B 60 -10.30 -14.79 11.72
CA VAL B 60 -9.50 -13.78 11.01
C VAL B 60 -8.86 -12.85 12.02
N LYS B 61 -9.67 -12.39 12.97
CA LYS B 61 -9.20 -11.48 14.03
C LYS B 61 -8.12 -12.16 14.88
N ALA B 62 -8.38 -13.40 15.27
CA ALA B 62 -7.47 -14.17 16.09
C ALA B 62 -6.16 -14.41 15.35
N HIS B 63 -6.30 -14.82 14.10
CA HIS B 63 -5.11 -15.11 13.29
C HIS B 63 -4.31 -13.84 13.01
N GLY B 64 -4.98 -12.73 12.76
CA GLY B 64 -4.32 -11.45 12.49
C GLY B 64 -3.50 -11.01 13.70
N LYS B 65 -3.99 -11.33 14.89
CA LYS B 65 -3.29 -10.97 16.14
C LYS B 65 -1.96 -11.73 16.16
N LYS B 66 -2.02 -12.99 15.77
CA LYS B 66 -0.84 -13.87 15.71
C LYS B 66 0.22 -13.32 14.78
N VAL B 67 -0.21 -12.90 13.61
CA VAL B 67 0.62 -12.31 12.57
C VAL B 67 1.30 -11.05 13.09
N LEU B 68 0.53 -10.14 13.65
CA LEU B 68 1.03 -8.89 14.19
C LEU B 68 2.01 -9.10 15.35
N HIS B 69 1.76 -10.17 16.08
CA HIS B 69 2.63 -10.48 17.21
C HIS B 69 4.03 -10.83 16.71
N SER B 70 4.05 -11.67 15.70
CA SER B 70 5.32 -12.13 15.09
C SER B 70 5.96 -10.92 14.44
N PHE B 71 5.15 -10.02 13.92
CA PHE B 71 5.66 -8.77 13.34
C PHE B 71 6.41 -7.97 14.43
N GLY B 72 5.76 -7.85 15.56
CA GLY B 72 6.28 -7.13 16.72
C GLY B 72 7.63 -7.73 17.15
N GLU B 73 7.75 -9.04 17.03
CA GLU B 73 9.02 -9.70 17.38
C GLU B 73 10.11 -9.24 16.42
N GLY B 74 9.74 -9.02 15.17
CA GLY B 74 10.68 -8.55 14.12
C GLY B 74 11.15 -7.14 14.45
N VAL B 75 10.19 -6.30 14.79
CA VAL B 75 10.43 -4.91 15.14
C VAL B 75 11.45 -4.84 16.28
N HIS B 76 11.30 -5.81 17.17
CA HIS B 76 12.18 -5.83 18.33
C HIS B 76 13.50 -6.49 18.02
N HIS B 77 13.58 -7.25 16.95
CA HIS B 77 14.79 -7.94 16.51
C HIS B 77 15.31 -7.58 15.13
N LEU B 78 15.44 -6.30 14.87
CA LEU B 78 15.86 -5.78 13.57
C LEU B 78 17.21 -6.28 13.11
N ASP B 79 18.02 -6.76 14.03
CA ASP B 79 19.37 -7.28 13.74
C ASP B 79 19.42 -8.73 13.32
N ASN B 80 18.35 -9.49 13.50
CA ASN B 80 18.37 -10.90 13.09
C ASN B 80 16.97 -11.29 12.60
N LEU B 81 16.57 -10.64 11.52
CA LEU B 81 15.24 -10.97 10.95
C LEU B 81 15.22 -12.41 10.48
N LYS B 82 16.29 -12.84 9.83
CA LYS B 82 16.38 -14.20 9.29
C LYS B 82 16.28 -15.24 10.39
N GLY B 83 16.94 -14.97 11.49
CA GLY B 83 16.91 -15.89 12.63
C GLY B 83 15.54 -15.92 13.28
N THR B 84 14.95 -14.76 13.45
CA THR B 84 13.61 -14.60 14.06
C THR B 84 12.53 -15.32 13.27
N PHE B 85 12.58 -15.27 11.95
CA PHE B 85 11.55 -15.84 11.09
C PHE B 85 11.85 -17.17 10.45
N ALA B 86 12.96 -17.80 10.73
CA ALA B 86 13.30 -19.10 10.11
C ALA B 86 12.22 -20.15 10.22
N ALA B 87 11.61 -20.32 11.37
CA ALA B 87 10.54 -21.32 11.52
C ALA B 87 9.29 -20.93 10.73
N LEU B 88 8.99 -19.64 10.68
CA LEU B 88 7.80 -19.19 9.92
C LEU B 88 8.07 -19.35 8.43
N SER B 89 9.32 -19.19 8.05
CA SER B 89 9.75 -19.32 6.64
C SER B 89 9.53 -20.74 6.15
N GLU B 90 9.96 -21.67 7.01
CA GLU B 90 9.77 -23.10 6.68
C GLU B 90 8.30 -23.40 6.50
N LEU B 91 7.47 -22.92 7.42
CA LEU B 91 6.03 -23.11 7.40
C LEU B 91 5.38 -22.59 6.10
N HIS B 92 5.62 -21.31 5.86
CA HIS B 92 5.01 -20.63 4.70
C HIS B 92 5.52 -21.22 3.38
N CYS B 93 6.80 -21.59 3.38
CA CYS B 93 7.38 -22.12 2.15
C CYS B 93 7.12 -23.58 1.96
N ASP B 94 7.64 -24.40 2.85
CA ASP B 94 7.55 -25.86 2.73
C ASP B 94 6.17 -26.44 2.91
N LYS B 95 5.45 -25.91 3.87
CA LYS B 95 4.13 -26.51 4.14
C LYS B 95 3.01 -25.88 3.37
N LEU B 96 2.98 -24.55 3.34
CA LEU B 96 1.88 -23.83 2.68
C LEU B 96 2.14 -23.51 1.22
N HIS B 97 3.39 -23.26 0.88
CA HIS B 97 3.73 -22.93 -0.51
C HIS B 97 3.06 -21.62 -0.92
N VAL B 98 3.17 -20.63 -0.04
CA VAL B 98 2.66 -19.29 -0.33
C VAL B 98 3.69 -18.58 -1.23
N ASP B 99 3.26 -18.01 -2.35
CA ASP B 99 4.24 -17.27 -3.18
C ASP B 99 4.68 -16.06 -2.35
N PRO B 100 5.98 -15.81 -2.32
CA PRO B 100 6.56 -14.71 -1.58
C PRO B 100 6.08 -13.33 -1.95
N GLU B 101 5.49 -13.18 -3.13
CA GLU B 101 4.98 -11.84 -3.51
C GLU B 101 3.90 -11.42 -2.51
N ASN B 102 3.21 -12.42 -1.97
CA ASN B 102 2.12 -12.19 -1.02
C ASN B 102 2.65 -11.65 0.29
N PHE B 103 3.87 -11.96 0.66
CA PHE B 103 4.47 -11.44 1.92
C PHE B 103 4.56 -9.91 1.84
N ARG B 104 4.94 -9.48 0.66
CA ARG B 104 5.10 -8.06 0.30
C ARG B 104 3.74 -7.36 0.30
N LEU B 105 2.72 -8.09 -0.19
CA LEU B 105 1.35 -7.53 -0.20
C LEU B 105 0.90 -7.30 1.24
N LEU B 106 1.08 -8.30 2.11
CA LEU B 106 0.65 -8.14 3.51
C LEU B 106 1.37 -7.00 4.20
N GLY B 107 2.66 -6.89 3.94
CA GLY B 107 3.46 -5.81 4.56
C GLY B 107 2.93 -4.45 4.16
N ASN B 108 2.57 -4.31 2.88
CA ASN B 108 2.04 -3.01 2.40
C ASN B 108 0.66 -2.70 2.99
N VAL B 109 -0.16 -3.73 3.11
CA VAL B 109 -1.50 -3.61 3.71
C VAL B 109 -1.32 -3.17 5.18
N LEU B 110 -0.35 -3.77 5.84
CA LEU B 110 -0.05 -3.38 7.25
C LEU B 110 0.27 -1.90 7.32
N VAL B 111 1.11 -1.46 6.39
CA VAL B 111 1.48 -0.04 6.33
C VAL B 111 0.25 0.83 6.15
N VAL B 112 -0.68 0.46 5.29
CA VAL B 112 -1.90 1.28 5.05
C VAL B 112 -2.75 1.32 6.33
N VAL B 113 -2.81 0.23 7.07
CA VAL B 113 -3.60 0.17 8.32
C VAL B 113 -2.97 1.09 9.36
N LEU B 114 -1.63 1.06 9.45
CA LEU B 114 -0.93 1.94 10.40
C LEU B 114 -1.24 3.40 10.07
N ALA B 115 -1.24 3.72 8.78
CA ALA B 115 -1.56 5.09 8.33
C ALA B 115 -2.98 5.44 8.78
N ARG B 116 -3.90 4.53 8.55
CA ARG B 116 -5.33 4.74 8.88
C ARG B 116 -5.49 5.01 10.36
N HIS B 117 -4.80 4.20 11.15
CA HIS B 117 -4.85 4.36 12.60
C HIS B 117 -4.07 5.52 13.16
N PHE B 118 -2.92 5.90 12.61
CA PHE B 118 -2.11 6.97 13.26
C PHE B 118 -2.26 8.33 12.66
N GLY B 119 -2.91 8.39 11.51
CA GLY B 119 -3.14 9.70 10.86
C GLY B 119 -1.85 10.46 10.61
N LYS B 120 -1.89 11.74 10.90
CA LYS B 120 -0.82 12.69 10.68
C LYS B 120 0.46 12.36 11.41
N ASP B 121 0.37 11.50 12.40
CA ASP B 121 1.55 11.04 13.14
C ASP B 121 2.32 10.00 12.33
N PHE B 122 1.65 9.43 11.35
CA PHE B 122 2.34 8.45 10.48
C PHE B 122 2.90 9.28 9.31
N THR B 123 3.97 9.97 9.60
CA THR B 123 4.65 10.87 8.64
C THR B 123 5.31 10.14 7.50
N PRO B 124 5.56 10.87 6.40
CA PRO B 124 6.23 10.28 5.23
C PRO B 124 7.55 9.63 5.65
N GLU B 125 8.22 10.25 6.62
CA GLU B 125 9.51 9.78 7.14
C GLU B 125 9.35 8.50 7.93
N LEU B 126 8.32 8.47 8.78
CA LEU B 126 8.08 7.24 9.57
C LEU B 126 7.64 6.12 8.64
N GLN B 127 6.82 6.51 7.64
CA GLN B 127 6.37 5.49 6.68
C GLN B 127 7.58 4.89 5.98
N ALA B 128 8.54 5.76 5.65
CA ALA B 128 9.74 5.26 4.93
C ALA B 128 10.45 4.21 5.76
N SER B 129 10.59 4.46 7.06
CA SER B 129 11.27 3.46 7.93
C SER B 129 10.49 2.15 7.94
N TYR B 130 9.17 2.29 8.09
CA TYR B 130 8.31 1.09 8.10
C TYR B 130 8.39 0.35 6.79
N GLN B 131 8.66 1.06 5.68
CA GLN B 131 8.75 0.28 4.39
C GLN B 131 9.99 -0.62 4.44
N LYS B 132 11.00 -0.11 5.12
CA LYS B 132 12.27 -0.87 5.29
C LYS B 132 12.02 -2.08 6.16
N VAL B 133 11.29 -1.88 7.25
CA VAL B 133 10.92 -2.99 8.15
C VAL B 133 10.12 -4.05 7.40
N VAL B 134 9.04 -3.66 6.73
CA VAL B 134 8.19 -4.65 6.04
C VAL B 134 8.96 -5.39 4.96
N ALA B 135 9.83 -4.67 4.31
CA ALA B 135 10.68 -5.29 3.27
C ALA B 135 11.58 -6.35 3.93
N GLY B 136 12.16 -5.98 5.05
CA GLY B 136 13.05 -6.88 5.81
C GLY B 136 12.31 -8.12 6.25
N VAL B 137 11.07 -7.92 6.72
CA VAL B 137 10.27 -9.08 7.15
C VAL B 137 9.95 -9.98 5.97
N ALA B 138 9.53 -9.38 4.87
CA ALA B 138 9.16 -10.16 3.67
C ALA B 138 10.33 -11.01 3.18
N ASN B 139 11.52 -10.43 3.21
CA ASN B 139 12.77 -11.11 2.81
C ASN B 139 13.12 -12.28 3.74
N ALA B 140 12.99 -12.07 5.05
CA ALA B 140 13.33 -13.12 6.02
C ALA B 140 12.37 -14.29 5.91
N LEU B 141 11.15 -14.03 5.49
CA LEU B 141 10.12 -15.06 5.32
C LEU B 141 10.27 -15.77 3.97
N ALA B 142 10.87 -15.11 3.01
CA ALA B 142 11.07 -15.69 1.67
C ALA B 142 12.34 -16.55 1.66
N HIS B 143 13.06 -16.48 2.75
CA HIS B 143 14.30 -17.17 2.95
C HIS B 143 14.40 -18.60 2.45
N LYS B 144 13.55 -19.49 2.90
CA LYS B 144 13.59 -20.90 2.54
C LYS B 144 13.09 -21.21 1.14
N TYR B 145 13.13 -20.23 0.28
CA TYR B 145 12.71 -20.31 -1.12
C TYR B 145 13.93 -20.11 -2.04
N HIS B 146 14.88 -19.45 -1.46
CA HIS B 146 16.18 -19.02 -1.92
C HIS B 146 17.28 -20.07 -1.77
CHA HEM C . 4.37 13.82 -15.49
CHB HEM C . 0.28 11.82 -13.80
CHC HEM C . 2.82 7.97 -12.36
CHD HEM C . 6.92 10.26 -13.45
C1A HEM C . 3.05 13.62 -15.13
C2A HEM C . 1.95 14.53 -15.40
C3A HEM C . 0.84 13.97 -14.93
C4A HEM C . 1.20 12.68 -14.38
CMA HEM C . -0.62 14.48 -14.95
CAA HEM C . 2.14 15.89 -16.08
CBA HEM C . 2.78 16.00 -17.45
CGA HEM C . 2.91 17.45 -17.90
O1A HEM C . 1.88 17.93 -18.44
O2A HEM C . 4.02 17.99 -17.66
C1B HEM C . 0.63 10.59 -13.32
C2B HEM C . -0.33 9.58 -12.84
C3B HEM C . 0.35 8.52 -12.47
C4B HEM C . 1.76 8.81 -12.66
CMB HEM C . -1.86 9.85 -12.87
CAB HEM C . -0.13 7.18 -11.89
CBB HEM C . -1.10 7.14 -10.97
C1C HEM C . 4.16 8.27 -12.46
C2C HEM C . 5.24 7.48 -11.93
C3C HEM C . 6.38 8.12 -12.22
C4C HEM C . 6.04 9.33 -12.93
CMC HEM C . 5.05 6.14 -11.18
CAC HEM C . 7.83 7.70 -11.90
CBC HEM C . 8.16 7.18 -10.73
C1D HEM C . 6.61 11.41 -14.12
C2D HEM C . 7.55 12.40 -14.63
C3D HEM C . 6.84 13.37 -15.21
C4D HEM C . 5.44 13.05 -15.06
CMD HEM C . 9.09 12.29 -14.53
CAD HEM C . 7.36 14.67 -15.88
CBD HEM C . 7.53 15.82 -14.87
CGD HEM C . 8.12 17.10 -15.38
O1D HEM C . 7.73 18.18 -14.87
O2D HEM C . 9.01 16.98 -16.26
NA HEM C . 2.55 12.51 -14.49
NB HEM C . 1.91 10.08 -13.19
NC HEM C . 4.67 9.41 -13.07
ND HEM C . 5.32 11.85 -14.37
FE HEM C . 3.62 10.97 -13.76
C CMO D . 3.72 11.77 -12.19
O CMO D . 3.96 12.06 -11.08
CHA HEM E . 0.29 -19.02 9.71
CHB HEM E . 2.80 -14.91 10.18
CHC HEM E . 2.11 -13.96 5.48
CHD HEM E . -0.87 -17.75 5.18
C1A HEM E . 1.00 -17.98 10.27
C2A HEM E . 1.32 -17.80 11.68
C3A HEM E . 2.02 -16.68 11.82
C4A HEM E . 2.13 -16.08 10.50
CMA HEM E . 2.61 -16.07 13.10
CAA HEM E . 0.94 -18.82 12.79
CBA HEM E . 1.80 -20.10 12.74
CGA HEM E . 1.85 -21.01 13.92
O1A HEM E . 2.36 -20.58 14.99
O2A HEM E . 1.39 -22.19 13.75
C1B HEM E . 2.90 -14.32 8.93
C2B HEM E . 3.68 -13.15 8.59
C3B HEM E . 3.46 -12.88 7.30
C4B HEM E . 2.57 -13.90 6.79
CMB HEM E . 4.55 -12.39 9.62
CAB HEM E . 4.03 -11.79 6.37
CBB HEM E . 4.41 -10.62 6.81
C1C HEM E . 1.17 -14.86 5.03
C2C HEM E . 0.49 -14.76 3.75
C3C HEM E . -0.32 -15.82 3.66
C4C HEM E . -0.18 -16.59 4.89
CMC HEM E . 0.75 -13.61 2.76
CAC HEM E . -1.29 -16.27 2.54
CBC HEM E . -1.49 -15.54 1.45
C1D HEM E . -0.83 -18.40 6.39
C2D HEM E . -1.59 -19.60 6.72
C3D HEM E . -1.24 -19.96 7.96
C4D HEM E . -0.30 -19.00 8.47
CMD HEM E . -2.56 -20.28 5.72
CAD HEM E . -1.78 -21.17 8.76
CBD HEM E . -3.21 -20.92 9.27
CGD HEM E . -3.65 -22.01 10.23
O1D HEM E . -4.07 -23.05 9.67
O2D HEM E . -3.51 -21.77 11.45
NA HEM E . 1.50 -16.89 9.58
NB HEM E . 2.21 -14.78 7.81
NC HEM E . 0.74 -15.98 5.71
ND HEM E . -0.05 -18.05 7.49
FE HEM E . 1.10 -16.43 7.65
C CMO F . -0.32 -15.40 7.97
O CMO F . -1.40 -14.97 8.16
#